data_8S96
#
_entry.id   8S96
#
_cell.length_a   99.383
_cell.length_b   31.347
_cell.length_c   68.962
_cell.angle_alpha   90.000
_cell.angle_beta   90.670
_cell.angle_gamma   90.000
#
_symmetry.space_group_name_H-M   'C 1 2 1'
#
loop_
_entity.id
_entity.type
_entity.pdbx_description
1 polymer 'Ribonuclease pancreatic'
2 non-polymer "adenosine 5'-heptaphosphate"
3 water water
#
_entity_poly.entity_id   1
_entity_poly.type   'polypeptide(L)'
_entity_poly.pdbx_seq_one_letter_code
;KETAAAKFERQHMDSSTSAASSSNYCNQMMKSRNLTKDRCKPVNTFVHESLADVQAVCSQKNVACKNGQTNCYQSYSTMS
ITDCRETGSSKYPNCAYKTTQANKHIIVACEGNPYVPVHFDASV
;
_entity_poly.pdbx_strand_id   A,B
#
loop_
_chem_comp.id
_chem_comp.type
_chem_comp.name
_chem_comp.formula
ZSF non-polymer 'adenosine 5'-heptaphosphate' 'C10 H20 N5 O25 P7'
#
# COMPACT_ATOMS: atom_id res chain seq x y z
N LYS A 1 -15.54 -22.07 4.97
CA LYS A 1 -14.93 -21.43 6.13
C LYS A 1 -14.46 -20.01 5.79
N GLU A 2 -14.42 -19.14 6.80
CA GLU A 2 -13.95 -17.78 6.61
C GLU A 2 -12.43 -17.76 6.51
N THR A 3 -11.92 -17.24 5.39
CA THR A 3 -10.48 -17.10 5.25
C THR A 3 -9.96 -15.96 6.12
N ALA A 4 -8.64 -15.98 6.37
CA ALA A 4 -7.99 -14.88 7.08
C ALA A 4 -8.27 -13.55 6.39
N ALA A 5 -8.27 -13.54 5.05
CA ALA A 5 -8.53 -12.31 4.32
C ALA A 5 -9.97 -11.83 4.51
N ALA A 6 -10.94 -12.76 4.46
CA ALA A 6 -12.33 -12.39 4.72
C ALA A 6 -12.50 -11.91 6.16
N LYS A 7 -11.83 -12.55 7.10
CA LYS A 7 -11.89 -12.10 8.49
C LYS A 7 -11.36 -10.68 8.63
N PHE A 8 -10.32 -10.34 7.89
CA PHE A 8 -9.82 -8.96 7.97
C PHE A 8 -10.86 -7.96 7.48
N GLU A 9 -11.57 -8.30 6.41
CA GLU A 9 -12.64 -7.44 5.92
C GLU A 9 -13.77 -7.31 6.95
N ARG A 10 -14.13 -8.41 7.59
CA ARG A 10 -15.23 -8.35 8.56
C ARG A 10 -14.82 -7.52 9.77
N GLN A 11 -13.57 -7.66 10.20
CA GLN A 11 -13.14 -6.95 11.40
C GLN A 11 -12.80 -5.49 11.14
N HIS A 12 -12.32 -5.13 9.94
CA HIS A 12 -11.66 -3.83 9.77
C HIS A 12 -12.19 -2.95 8.63
N MET A 13 -12.93 -3.47 7.67
CA MET A 13 -13.30 -2.64 6.53
C MET A 13 -14.64 -1.97 6.80
N ASP A 14 -14.69 -0.66 6.62
CA ASP A 14 -15.95 0.07 6.71
C ASP A 14 -15.91 1.18 5.67
N SER A 15 -15.95 0.77 4.41
CA SER A 15 -15.77 1.69 3.30
C SER A 15 -16.85 2.77 3.32
N SER A 16 -16.40 4.01 3.44
CA SER A 16 -17.25 5.18 3.61
C SER A 16 -16.30 6.36 3.76
N THR A 17 -16.82 7.57 3.91
CA THR A 17 -15.93 8.71 4.11
C THR A 17 -15.36 8.72 5.53
N SER A 18 -16.18 8.38 6.51
CA SER A 18 -15.80 8.42 7.91
C SER A 18 -16.93 7.75 8.67
N ALA A 19 -16.74 7.59 9.97
CA ALA A 19 -17.71 6.87 10.80
C ALA A 19 -19.07 7.57 10.78
N ALA A 20 -20.11 6.80 10.51
CA ALA A 20 -21.49 7.26 10.56
C ALA A 20 -22.33 6.19 11.25
N SER A 21 -23.20 6.61 12.16
CA SER A 21 -23.97 5.64 12.96
C SER A 21 -25.08 6.34 13.71
N SER A 22 -26.15 5.59 14.06
CA SER A 22 -27.25 6.23 14.76
C SER A 22 -26.93 6.45 16.23
N SER A 23 -26.11 5.58 16.81
CA SER A 23 -25.65 5.70 18.18
C SER A 23 -24.13 5.50 18.18
N ASN A 24 -23.53 5.40 19.36
CA ASN A 24 -22.11 5.08 19.54
C ASN A 24 -21.60 4.16 18.43
N TYR A 25 -20.73 4.69 17.56
CA TYR A 25 -20.27 3.92 16.40
C TYR A 25 -19.62 2.62 16.81
N CYS A 26 -18.71 2.68 17.78
CA CYS A 26 -17.96 1.48 18.15
C CYS A 26 -18.86 0.44 18.79
N ASN A 27 -19.77 0.84 19.67
CA ASN A 27 -20.68 -0.14 20.26
C ASN A 27 -21.51 -0.83 19.20
N GLN A 28 -21.98 -0.08 18.21
CA GLN A 28 -22.80 -0.70 17.18
C GLN A 28 -21.96 -1.55 16.22
N MET A 29 -20.75 -1.08 15.86
CA MET A 29 -19.91 -1.83 14.91
C MET A 29 -19.25 -3.04 15.56
N MET A 30 -18.77 -2.92 16.79
CA MET A 30 -18.14 -4.07 17.44
C MET A 30 -19.17 -5.18 17.61
N LYS A 31 -20.42 -4.82 17.90
CA LYS A 31 -21.49 -5.82 17.98
C LYS A 31 -21.82 -6.39 16.60
N SER A 32 -22.07 -5.51 15.62
CA SER A 32 -22.58 -5.95 14.32
C SER A 32 -21.57 -6.77 13.53
N ARG A 33 -20.26 -6.53 13.71
CA ARG A 33 -19.24 -7.35 13.05
C ARG A 33 -18.87 -8.61 13.86
N ASN A 34 -19.66 -8.94 14.89
CA ASN A 34 -19.46 -10.14 15.72
C ASN A 34 -18.13 -10.09 16.47
N LEU A 35 -17.70 -8.90 16.85
CA LEU A 35 -16.47 -8.72 17.62
C LEU A 35 -16.74 -8.74 19.12
N THR A 36 -17.99 -9.00 19.52
CA THR A 36 -18.33 -9.12 20.93
C THR A 36 -18.97 -10.46 21.25
N LYS A 37 -18.85 -11.44 20.36
CA LYS A 37 -19.62 -12.68 20.51
C LYS A 37 -18.92 -13.67 21.46
N ASP A 38 -17.63 -13.96 21.24
CA ASP A 38 -16.88 -14.86 22.13
C ASP A 38 -16.09 -14.17 23.24
N ARG A 39 -15.84 -12.87 23.10
CA ARG A 39 -15.26 -12.01 24.11
C ARG A 39 -15.52 -10.58 23.64
N CYS A 40 -15.15 -9.60 24.46
CA CYS A 40 -15.08 -8.22 24.00
C CYS A 40 -13.72 -8.03 23.35
N LYS A 41 -13.66 -7.93 22.02
CA LYS A 41 -12.38 -7.63 21.40
C LYS A 41 -11.89 -6.30 21.98
N PRO A 42 -10.69 -6.25 22.56
CA PRO A 42 -10.37 -5.09 23.41
C PRO A 42 -10.07 -3.83 22.63
N VAL A 43 -9.44 -3.94 21.46
CA VAL A 43 -9.14 -2.80 20.60
C VAL A 43 -9.41 -3.21 19.17
N ASN A 44 -9.93 -2.29 18.37
CA ASN A 44 -10.16 -2.60 16.97
C ASN A 44 -10.18 -1.31 16.17
N THR A 45 -9.66 -1.37 14.96
CA THR A 45 -9.67 -0.23 14.04
C THR A 45 -10.50 -0.56 12.81
N PHE A 46 -11.39 0.37 12.44
CA PHE A 46 -12.11 0.31 11.18
C PHE A 46 -11.51 1.32 10.22
N VAL A 47 -11.40 0.92 8.95
CA VAL A 47 -10.78 1.74 7.92
C VAL A 47 -11.86 2.23 6.96
N HIS A 48 -11.97 3.55 6.80
CA HIS A 48 -12.96 4.13 5.91
C HIS A 48 -12.30 4.49 4.58
N GLU A 49 -11.96 3.44 3.82
CA GLU A 49 -11.38 3.59 2.49
C GLU A 49 -11.93 2.44 1.65
N SER A 50 -11.70 2.52 0.35
CA SER A 50 -12.09 1.42 -0.53
C SER A 50 -11.26 0.18 -0.22
N LEU A 51 -11.84 -0.98 -0.51
CA LEU A 51 -11.07 -2.21 -0.30
C LEU A 51 -9.81 -2.21 -1.15
N ALA A 52 -9.87 -1.67 -2.38
CA ALA A 52 -8.68 -1.61 -3.22
C ALA A 52 -7.59 -0.76 -2.58
N ASP A 53 -7.99 0.33 -1.93
CA ASP A 53 -7.01 1.21 -1.30
C ASP A 53 -6.29 0.51 -0.15
N VAL A 54 -7.03 -0.28 0.64
CA VAL A 54 -6.41 -0.98 1.76
C VAL A 54 -5.57 -2.17 1.27
N GLN A 55 -6.07 -2.94 0.30
CA GLN A 55 -5.29 -4.04 -0.26
C GLN A 55 -3.98 -3.55 -0.87
N ALA A 56 -4.02 -2.38 -1.50
CA ALA A 56 -2.82 -1.81 -2.11
C ALA A 56 -1.70 -1.57 -1.11
N VAL A 57 -2.03 -1.46 0.19
CA VAL A 57 -0.99 -1.21 1.20
C VAL A 57 0.02 -2.37 1.24
N CYS A 58 -0.39 -3.58 0.85
CA CYS A 58 0.51 -4.73 0.88
C CYS A 58 1.69 -4.57 -0.05
N SER A 59 1.68 -3.57 -0.92
CA SER A 59 2.86 -3.27 -1.73
C SER A 59 3.41 -1.88 -1.42
N GLN A 60 3.12 -1.35 -0.25
CA GLN A 60 3.60 -0.03 0.15
C GLN A 60 4.77 -0.21 1.11
N LYS A 61 4.87 0.52 2.22
CA LYS A 61 6.14 0.61 2.94
C LYS A 61 6.30 -0.60 3.87
N ASN A 62 7.27 -1.46 3.54
CA ASN A 62 7.54 -2.63 4.37
C ASN A 62 8.16 -2.22 5.70
N VAL A 63 7.54 -2.68 6.79
CA VAL A 63 7.97 -2.40 8.16
C VAL A 63 7.85 -3.68 8.99
N ALA A 64 8.61 -3.73 10.08
CA ALA A 64 8.50 -4.87 10.99
C ALA A 64 7.17 -4.86 11.71
N CYS A 65 6.59 -6.04 11.87
CA CYS A 65 5.38 -6.24 12.66
C CYS A 65 5.72 -6.24 14.14
N LYS A 66 4.75 -5.86 14.97
CA LYS A 66 4.94 -5.94 16.41
C LYS A 66 5.38 -7.33 16.88
N ASN A 67 4.94 -8.39 16.20
CA ASN A 67 5.34 -9.72 16.68
C ASN A 67 6.68 -10.16 16.11
N GLY A 68 7.37 -9.29 15.37
CA GLY A 68 8.66 -9.62 14.82
C GLY A 68 8.63 -10.18 13.41
N GLN A 69 7.46 -10.52 12.89
CA GLN A 69 7.42 -10.88 11.48
C GLN A 69 7.76 -9.67 10.63
N THR A 70 8.09 -9.91 9.37
CA THR A 70 8.50 -8.81 8.50
C THR A 70 7.51 -8.57 7.36
N ASN A 71 6.29 -9.09 7.49
CA ASN A 71 5.26 -8.99 6.45
C ASN A 71 4.22 -7.91 6.74
N CYS A 72 4.65 -6.81 7.36
CA CYS A 72 3.79 -5.68 7.67
C CYS A 72 4.10 -4.53 6.74
N TYR A 73 3.08 -3.70 6.50
CA TYR A 73 3.16 -2.65 5.51
C TYR A 73 2.41 -1.43 6.02
N GLN A 74 3.05 -0.28 5.91
CA GLN A 74 2.53 1.00 6.34
C GLN A 74 2.06 1.79 5.13
N SER A 75 0.88 2.40 5.21
CA SER A 75 0.35 3.14 4.07
C SER A 75 1.15 4.42 3.85
N TYR A 76 1.38 4.76 2.58
CA TYR A 76 2.10 6.01 2.29
C TYR A 76 1.24 7.22 2.59
N SER A 77 -0.05 7.14 2.30
CA SER A 77 -1.03 8.19 2.59
C SER A 77 -1.69 7.97 3.94
N THR A 78 -2.14 9.07 4.56
CA THR A 78 -3.00 8.89 5.73
C THR A 78 -4.34 8.36 5.25
N MET A 79 -5.01 7.64 6.13
CA MET A 79 -6.32 7.09 5.84
C MET A 79 -7.29 7.44 6.95
N SER A 80 -8.55 7.55 6.57
CA SER A 80 -9.62 7.82 7.51
C SER A 80 -9.95 6.54 8.27
N ILE A 81 -9.77 6.56 9.59
CA ILE A 81 -10.01 5.39 10.43
C ILE A 81 -10.80 5.78 11.68
N THR A 82 -11.32 4.76 12.36
CA THR A 82 -11.93 4.90 13.66
C THR A 82 -11.38 3.80 14.57
N ASP A 83 -10.84 4.18 15.72
CA ASP A 83 -10.37 3.24 16.73
C ASP A 83 -11.47 3.00 17.77
N CYS A 84 -11.63 1.73 18.14
CA CYS A 84 -12.56 1.31 19.18
C CYS A 84 -11.77 0.69 20.32
N ARG A 85 -11.90 1.27 21.51
CA ARG A 85 -11.20 0.79 22.69
C ARG A 85 -12.20 0.46 23.78
N GLU A 86 -12.11 -0.75 24.33
CA GLU A 86 -13.02 -1.19 25.38
C GLU A 86 -12.92 -0.24 26.58
N THR A 87 -14.04 0.05 27.22
CA THR A 87 -13.96 0.92 28.38
C THR A 87 -13.54 0.13 29.61
N GLY A 88 -13.14 0.86 30.67
CA GLY A 88 -12.82 0.21 31.93
C GLY A 88 -14.02 -0.47 32.57
N SER A 89 -15.22 0.07 32.36
CA SER A 89 -16.43 -0.54 32.88
C SER A 89 -16.92 -1.71 32.03
N SER A 90 -16.41 -1.86 30.81
CA SER A 90 -16.84 -2.94 29.94
C SER A 90 -16.47 -4.29 30.55
N LYS A 91 -17.45 -5.18 30.61
CA LYS A 91 -17.19 -6.56 31.04
C LYS A 91 -18.09 -7.49 30.21
N TYR A 92 -17.47 -8.36 29.44
CA TYR A 92 -18.19 -9.34 28.63
C TYR A 92 -19.25 -10.05 29.47
N PRO A 93 -20.45 -10.29 28.93
CA PRO A 93 -20.92 -10.04 27.55
C PRO A 93 -21.51 -8.65 27.31
N ASN A 94 -21.40 -7.76 28.28
CA ASN A 94 -21.90 -6.40 28.15
C ASN A 94 -20.74 -5.48 27.77
N CYS A 95 -20.30 -5.64 26.53
CA CYS A 95 -19.14 -4.90 26.05
C CYS A 95 -19.51 -3.44 25.83
N ALA A 96 -18.52 -2.56 26.03
CA ALA A 96 -18.70 -1.14 25.80
C ALA A 96 -17.39 -0.54 25.33
N TYR A 97 -17.47 0.43 24.41
CA TYR A 97 -16.31 0.98 23.73
C TYR A 97 -16.34 2.50 23.70
N LYS A 98 -15.14 3.09 23.66
CA LYS A 98 -14.98 4.50 23.36
C LYS A 98 -14.53 4.63 21.91
N THR A 99 -15.08 5.65 21.23
CA THR A 99 -14.84 5.86 19.81
C THR A 99 -13.83 7.00 19.61
N THR A 100 -12.77 6.73 18.85
CA THR A 100 -11.78 7.75 18.49
C THR A 100 -11.64 7.75 16.97
N GLN A 101 -12.04 8.85 16.34
CA GLN A 101 -11.85 9.05 14.91
C GLN A 101 -10.48 9.67 14.67
N ALA A 102 -9.86 9.30 13.55
CA ALA A 102 -8.53 9.79 13.26
C ALA A 102 -8.22 9.66 11.78
N ASN A 103 -7.21 10.41 11.35
CA ASN A 103 -6.63 10.24 10.03
C ASN A 103 -5.19 9.83 10.32
N LYS A 104 -4.84 8.58 10.00
CA LYS A 104 -3.51 8.08 10.34
C LYS A 104 -3.01 7.13 9.25
N HIS A 105 -1.71 6.87 9.26
CA HIS A 105 -1.17 5.82 8.40
C HIS A 105 -1.47 4.46 9.02
N ILE A 106 -1.99 3.53 8.25
CA ILE A 106 -2.28 2.21 8.81
C ILE A 106 -1.12 1.26 8.56
N ILE A 107 -0.97 0.27 9.45
CA ILE A 107 0.00 -0.80 9.29
C ILE A 107 -0.72 -2.14 9.33
N VAL A 108 -0.63 -2.90 8.22
CA VAL A 108 -1.29 -4.19 8.11
C VAL A 108 -0.26 -5.27 7.83
N ALA A 109 -0.53 -6.48 8.30
CA ALA A 109 0.24 -7.65 7.90
C ALA A 109 -0.47 -8.30 6.73
N CYS A 110 0.29 -8.69 5.71
CA CYS A 110 -0.25 -9.31 4.52
C CYS A 110 0.29 -10.73 4.37
N GLU A 111 -0.54 -11.59 3.81
CA GLU A 111 -0.21 -13.00 3.62
C GLU A 111 -0.99 -13.53 2.44
N GLY A 112 -0.52 -14.64 1.88
CA GLY A 112 -1.28 -15.42 0.93
C GLY A 112 -0.95 -15.10 -0.50
N ASN A 113 -1.60 -15.85 -1.37
CA ASN A 113 -1.61 -15.58 -2.82
C ASN A 113 -3.04 -15.60 -3.31
N PRO A 114 -3.63 -14.43 -3.64
CA PRO A 114 -3.03 -13.09 -3.67
C PRO A 114 -2.59 -12.58 -2.29
N TYR A 115 -1.60 -11.70 -2.32
CA TYR A 115 -1.04 -11.10 -1.12
C TYR A 115 -1.97 -10.01 -0.63
N VAL A 116 -2.66 -10.25 0.49
CA VAL A 116 -3.74 -9.37 0.95
C VAL A 116 -3.63 -9.19 2.45
N PRO A 117 -4.27 -8.14 3.00
CA PRO A 117 -4.19 -7.92 4.44
C PRO A 117 -4.92 -9.02 5.20
N VAL A 118 -4.31 -9.49 6.29
CA VAL A 118 -4.93 -10.51 7.13
C VAL A 118 -4.93 -10.07 8.58
N HIS A 119 -4.23 -8.99 8.90
CA HIS A 119 -4.09 -8.59 10.28
C HIS A 119 -3.83 -7.10 10.32
N PHE A 120 -4.49 -6.39 11.24
CA PHE A 120 -4.24 -4.96 11.47
C PHE A 120 -3.26 -4.81 12.63
N ASP A 121 -2.09 -4.21 12.37
CA ASP A 121 -1.03 -4.20 13.37
C ASP A 121 -0.96 -2.91 14.17
N ALA A 122 -1.14 -1.75 13.53
CA ALA A 122 -0.96 -0.48 14.22
C ALA A 122 -1.45 0.65 13.32
N SER A 123 -1.60 1.82 13.91
CA SER A 123 -1.78 3.03 13.12
C SER A 123 -0.78 4.06 13.63
N VAL A 124 -0.19 4.82 12.73
CA VAL A 124 0.83 5.78 13.12
C VAL A 124 0.66 7.11 12.43
N LYS B 1 12.73 11.50 6.19
CA LYS B 1 14.03 10.90 5.88
C LYS B 1 13.86 9.56 5.15
N GLU B 2 13.18 9.61 4.00
CA GLU B 2 13.03 8.43 3.17
C GLU B 2 14.36 8.09 2.48
N THR B 3 14.78 6.83 2.56
CA THR B 3 16.00 6.44 1.87
C THR B 3 15.74 6.38 0.36
N ALA B 4 16.83 6.43 -0.41
CA ALA B 4 16.68 6.32 -1.86
C ALA B 4 16.09 4.96 -2.23
N ALA B 5 16.50 3.90 -1.53
CA ALA B 5 15.93 2.58 -1.77
C ALA B 5 14.43 2.54 -1.44
N ALA B 6 14.02 3.18 -0.34
CA ALA B 6 12.61 3.15 0.02
C ALA B 6 11.77 4.00 -0.94
N LYS B 7 12.33 5.14 -1.38
CA LYS B 7 11.66 5.96 -2.39
C LYS B 7 11.49 5.20 -3.70
N PHE B 8 12.50 4.43 -4.12
CA PHE B 8 12.33 3.58 -5.30
C PHE B 8 11.14 2.64 -5.12
N GLU B 9 11.05 1.99 -3.97
CA GLU B 9 9.92 1.11 -3.75
C GLU B 9 8.59 1.87 -3.78
N ARG B 10 8.56 3.06 -3.17
CA ARG B 10 7.30 3.80 -3.16
C ARG B 10 6.92 4.22 -4.58
N GLN B 11 7.89 4.68 -5.36
CA GLN B 11 7.55 5.22 -6.66
C GLN B 11 7.34 4.13 -7.71
N HIS B 12 8.01 2.97 -7.58
CA HIS B 12 8.16 2.10 -8.74
C HIS B 12 7.76 0.63 -8.58
N MET B 13 7.61 0.10 -7.36
CA MET B 13 7.19 -1.29 -7.18
C MET B 13 5.70 -1.44 -6.95
N ASP B 14 5.08 -2.32 -7.72
CA ASP B 14 3.73 -2.79 -7.45
C ASP B 14 3.77 -4.31 -7.60
N SER B 15 4.25 -4.98 -6.57
CA SER B 15 4.31 -6.43 -6.55
C SER B 15 2.96 -7.08 -6.27
N SER B 16 1.91 -6.29 -6.10
CA SER B 16 0.61 -6.83 -5.75
C SER B 16 -0.22 -7.22 -6.96
N THR B 17 -0.05 -6.53 -8.09
CA THR B 17 -0.75 -6.83 -9.32
C THR B 17 0.22 -7.31 -10.39
N SER B 18 -0.28 -8.17 -11.29
CA SER B 18 0.53 -8.67 -12.38
C SER B 18 0.61 -7.71 -13.56
N ALA B 19 -0.30 -6.73 -13.62
CA ALA B 19 -0.38 -5.81 -14.74
C ALA B 19 -1.37 -4.71 -14.40
N ALA B 20 -1.43 -3.69 -15.25
CA ALA B 20 -2.45 -2.67 -15.12
C ALA B 20 -3.78 -3.24 -15.58
N SER B 21 -4.78 -3.17 -14.71
CA SER B 21 -6.06 -3.82 -14.94
C SER B 21 -7.07 -2.91 -15.63
N SER B 22 -6.92 -1.60 -15.49
CA SER B 22 -7.86 -0.68 -16.12
C SER B 22 -7.11 0.57 -16.53
N SER B 23 -7.73 1.33 -17.43
CA SER B 23 -7.20 2.62 -17.84
C SER B 23 -7.05 3.58 -16.66
N ASN B 24 -7.68 3.29 -15.54
CA ASN B 24 -7.62 4.12 -14.35
C ASN B 24 -6.49 3.72 -13.41
N TYR B 25 -5.69 2.71 -13.78
CA TYR B 25 -4.63 2.22 -12.89
C TYR B 25 -3.71 3.35 -12.44
N CYS B 26 -3.22 4.14 -13.40
CA CYS B 26 -2.27 5.20 -13.04
C CYS B 26 -2.91 6.28 -12.19
N ASN B 27 -4.16 6.66 -12.51
CA ASN B 27 -4.84 7.64 -11.68
C ASN B 27 -4.84 7.20 -10.23
N GLN B 28 -5.26 5.96 -9.98
CA GLN B 28 -5.35 5.47 -8.61
C GLN B 28 -3.96 5.30 -8.01
N MET B 29 -3.01 4.81 -8.78
CA MET B 29 -1.72 4.43 -8.21
C MET B 29 -0.86 5.65 -7.94
N MET B 30 -0.91 6.66 -8.81
CA MET B 30 -0.09 7.85 -8.58
C MET B 30 -0.52 8.56 -7.31
N LYS B 31 -1.83 8.59 -7.05
CA LYS B 31 -2.36 9.14 -5.80
C LYS B 31 -1.84 8.39 -4.57
N SER B 32 -1.94 7.06 -4.57
CA SER B 32 -1.66 6.30 -3.36
C SER B 32 -0.17 6.22 -3.03
N ARG B 33 0.71 6.52 -3.99
CA ARG B 33 2.14 6.58 -3.73
C ARG B 33 2.62 7.99 -3.43
N ASN B 34 1.68 8.93 -3.25
CA ASN B 34 1.98 10.33 -2.92
C ASN B 34 2.74 11.02 -4.05
N LEU B 35 2.46 10.63 -5.28
CA LEU B 35 3.05 11.27 -6.46
C LEU B 35 2.13 12.32 -7.06
N THR B 36 1.03 12.65 -6.39
CA THR B 36 0.18 13.78 -6.77
C THR B 36 0.04 14.76 -5.63
N LYS B 37 0.89 14.66 -4.60
CA LYS B 37 0.68 15.37 -3.34
C LYS B 37 0.86 16.87 -3.52
N ASP B 38 2.07 17.31 -3.84
CA ASP B 38 2.35 18.72 -3.99
C ASP B 38 2.20 19.20 -5.44
N ARG B 39 2.12 18.27 -6.38
CA ARG B 39 2.11 18.53 -7.81
C ARG B 39 1.82 17.20 -8.48
N CYS B 40 1.47 17.25 -9.77
CA CYS B 40 1.33 16.03 -10.54
C CYS B 40 2.70 15.60 -11.05
N LYS B 41 3.22 14.48 -10.56
CA LYS B 41 4.43 13.93 -11.16
C LYS B 41 4.14 13.57 -12.62
N PRO B 42 4.86 14.13 -13.60
CA PRO B 42 4.43 13.98 -15.00
C PRO B 42 4.58 12.57 -15.54
N VAL B 43 5.63 11.84 -15.15
CA VAL B 43 5.89 10.52 -15.70
C VAL B 43 6.34 9.60 -14.58
N ASN B 44 5.87 8.37 -14.58
CA ASN B 44 6.31 7.40 -13.60
C ASN B 44 6.04 5.99 -14.12
N THR B 45 6.94 5.07 -13.79
CA THR B 45 6.81 3.67 -14.21
C THR B 45 6.64 2.78 -13.00
N PHE B 46 5.68 1.86 -13.07
CA PHE B 46 5.51 0.83 -12.06
C PHE B 46 5.96 -0.52 -12.63
N VAL B 47 6.64 -1.32 -11.81
CA VAL B 47 7.12 -2.64 -12.22
C VAL B 47 6.30 -3.71 -11.51
N HIS B 48 5.67 -4.60 -12.29
CA HIS B 48 4.84 -5.67 -11.75
C HIS B 48 5.65 -6.96 -11.67
N GLU B 49 6.61 -6.96 -10.75
CA GLU B 49 7.44 -8.13 -10.52
C GLU B 49 7.70 -8.21 -9.02
N SER B 50 8.15 -9.37 -8.56
CA SER B 50 8.54 -9.49 -7.16
C SER B 50 9.70 -8.55 -6.86
N LEU B 51 9.74 -8.06 -5.62
CA LEU B 51 10.86 -7.20 -5.23
C LEU B 51 12.19 -7.91 -5.39
N ALA B 52 12.23 -9.21 -5.06
CA ALA B 52 13.48 -9.96 -5.24
C ALA B 52 13.95 -9.94 -6.68
N ASP B 53 13.03 -10.07 -7.64
CA ASP B 53 13.43 -10.12 -9.05
C ASP B 53 13.93 -8.76 -9.52
N VAL B 54 13.36 -7.67 -9.00
CA VAL B 54 13.82 -6.34 -9.40
C VAL B 54 15.16 -6.02 -8.75
N GLN B 55 15.31 -6.38 -7.47
CA GLN B 55 16.60 -6.21 -6.80
C GLN B 55 17.69 -7.01 -7.52
N ALA B 56 17.34 -8.17 -8.10
CA ALA B 56 18.33 -8.97 -8.81
C ALA B 56 18.87 -8.26 -10.06
N VAL B 57 18.17 -7.23 -10.54
CA VAL B 57 18.68 -6.53 -11.72
C VAL B 57 20.02 -5.89 -11.42
N CYS B 58 20.26 -5.53 -10.15
CA CYS B 58 21.53 -4.94 -9.72
C CYS B 58 22.72 -5.87 -9.90
N SER B 59 22.49 -7.12 -10.31
CA SER B 59 23.53 -8.10 -10.62
C SER B 59 23.58 -8.46 -12.10
N GLN B 60 22.86 -7.75 -12.96
CA GLN B 60 22.69 -8.16 -14.35
C GLN B 60 23.53 -7.24 -15.24
N LYS B 61 23.02 -6.71 -16.36
CA LYS B 61 23.83 -6.08 -17.39
C LYS B 61 24.23 -4.68 -16.95
N ASN B 62 25.49 -4.51 -16.56
CA ASN B 62 26.00 -3.20 -16.19
C ASN B 62 26.02 -2.27 -17.39
N VAL B 63 25.39 -1.11 -17.27
CA VAL B 63 25.34 -0.09 -18.31
C VAL B 63 25.50 1.27 -17.67
N ALA B 64 25.75 2.27 -18.51
CA ALA B 64 25.80 3.64 -18.02
C ALA B 64 24.39 4.16 -17.77
N CYS B 65 24.27 5.00 -16.75
CA CYS B 65 23.06 5.74 -16.45
C CYS B 65 22.95 6.97 -17.36
N LYS B 66 21.74 7.52 -17.48
CA LYS B 66 21.55 8.77 -18.22
C LYS B 66 22.50 9.88 -17.75
N ASN B 67 22.82 9.92 -16.45
CA ASN B 67 23.70 10.97 -15.94
C ASN B 67 25.19 10.66 -16.05
N GLY B 68 25.56 9.53 -16.66
CA GLY B 68 26.96 9.21 -16.89
C GLY B 68 27.57 8.27 -15.85
N GLN B 69 26.92 8.08 -14.71
CA GLN B 69 27.46 7.13 -13.75
C GLN B 69 27.34 5.71 -14.32
N THR B 70 28.09 4.77 -13.75
CA THR B 70 28.11 3.40 -14.24
C THR B 70 27.53 2.41 -13.23
N ASN B 71 26.70 2.88 -12.30
CA ASN B 71 26.00 1.99 -11.38
C ASN B 71 24.58 1.67 -11.84
N CYS B 72 24.36 1.63 -13.16
CA CYS B 72 23.09 1.21 -13.72
C CYS B 72 23.17 -0.19 -14.30
N TYR B 73 22.01 -0.83 -14.38
CA TYR B 73 21.90 -2.21 -14.80
C TYR B 73 20.64 -2.38 -15.61
N GLN B 74 20.76 -3.12 -16.70
CA GLN B 74 19.62 -3.43 -17.54
C GLN B 74 19.20 -4.86 -17.21
N SER B 75 17.90 -5.06 -17.00
CA SER B 75 17.42 -6.40 -16.68
C SER B 75 17.63 -7.32 -17.88
N TYR B 76 18.11 -8.54 -17.61
CA TYR B 76 18.24 -9.50 -18.72
C TYR B 76 16.88 -9.83 -19.32
N SER B 77 15.84 -10.00 -18.50
CA SER B 77 14.52 -10.38 -18.96
C SER B 77 13.64 -9.15 -19.12
N THR B 78 12.62 -9.29 -19.97
CA THR B 78 11.54 -8.31 -19.93
C THR B 78 10.75 -8.50 -18.65
N MET B 79 10.06 -7.43 -18.26
CA MET B 79 9.31 -7.38 -17.01
C MET B 79 7.99 -6.70 -17.28
N SER B 80 6.96 -7.14 -16.56
CA SER B 80 5.67 -6.47 -16.64
C SER B 80 5.79 -5.08 -16.03
N ILE B 81 5.55 -4.05 -16.85
CA ILE B 81 5.60 -2.67 -16.38
C ILE B 81 4.37 -1.90 -16.84
N THR B 82 4.04 -0.86 -16.10
CA THR B 82 3.03 0.11 -16.52
C THR B 82 3.65 1.50 -16.56
N ASP B 83 3.58 2.15 -17.71
CA ASP B 83 4.02 3.54 -17.81
C ASP B 83 2.85 4.47 -17.57
N CYS B 84 3.05 5.42 -16.66
CA CYS B 84 2.04 6.42 -16.32
C CYS B 84 2.52 7.76 -16.84
N ARG B 85 1.72 8.41 -17.67
CA ARG B 85 2.11 9.72 -18.18
C ARG B 85 0.94 10.68 -18.08
N GLU B 86 1.21 11.83 -17.48
CA GLU B 86 0.19 12.85 -17.31
C GLU B 86 -0.39 13.27 -18.66
N THR B 87 -1.72 13.41 -18.72
CA THR B 87 -2.36 13.85 -19.96
C THR B 87 -2.10 15.34 -20.19
N GLY B 88 -2.38 15.78 -21.42
CA GLY B 88 -2.24 17.19 -21.74
C GLY B 88 -3.23 18.06 -21.01
N SER B 89 -4.39 17.50 -20.67
CA SER B 89 -5.44 18.23 -19.99
C SER B 89 -5.33 18.19 -18.48
N SER B 90 -4.43 17.38 -17.93
CA SER B 90 -4.33 17.22 -16.49
C SER B 90 -3.95 18.52 -15.80
N LYS B 91 -4.64 18.83 -14.70
CA LYS B 91 -4.30 20.00 -13.91
C LYS B 91 -4.37 19.66 -12.43
N TYR B 92 -3.26 19.87 -11.72
CA TYR B 92 -3.24 19.71 -10.27
C TYR B 92 -4.36 20.53 -9.64
N PRO B 93 -5.06 19.99 -8.62
CA PRO B 93 -4.86 18.71 -7.93
C PRO B 93 -5.57 17.50 -8.55
N ASN B 94 -6.30 17.66 -9.66
CA ASN B 94 -6.98 16.53 -10.30
C ASN B 94 -6.09 15.93 -11.38
N CYS B 95 -5.03 15.28 -10.91
CA CYS B 95 -4.03 14.73 -11.82
C CYS B 95 -4.59 13.58 -12.63
N ALA B 96 -4.40 13.63 -13.95
CA ALA B 96 -4.93 12.64 -14.88
C ALA B 96 -3.78 12.00 -15.66
N TYR B 97 -3.79 10.68 -15.76
CA TYR B 97 -2.70 9.93 -16.38
C TYR B 97 -3.21 8.96 -17.43
N LYS B 98 -2.44 8.81 -18.50
CA LYS B 98 -2.64 7.73 -19.46
C LYS B 98 -1.84 6.52 -18.99
N THR B 99 -2.47 5.35 -19.05
CA THR B 99 -1.90 4.10 -18.54
C THR B 99 -1.48 3.22 -19.71
N THR B 100 -0.22 2.81 -19.74
CA THR B 100 0.30 1.95 -20.80
C THR B 100 0.96 0.73 -20.18
N GLN B 101 0.46 -0.46 -20.52
CA GLN B 101 0.97 -1.71 -19.98
C GLN B 101 1.84 -2.42 -21.01
N ALA B 102 2.96 -2.98 -20.55
CA ALA B 102 3.90 -3.53 -21.51
C ALA B 102 4.91 -4.44 -20.80
N ASN B 103 5.57 -5.28 -21.60
CA ASN B 103 6.70 -6.10 -21.14
C ASN B 103 7.96 -5.51 -21.74
N LYS B 104 8.82 -4.93 -20.91
CA LYS B 104 10.06 -4.35 -21.36
C LYS B 104 11.18 -4.62 -20.36
N HIS B 105 12.41 -4.45 -20.82
CA HIS B 105 13.56 -4.47 -19.93
C HIS B 105 13.61 -3.16 -19.15
N ILE B 106 14.04 -3.22 -17.89
CA ILE B 106 14.17 -2.01 -17.08
C ILE B 106 15.64 -1.72 -16.84
N ILE B 107 15.96 -0.44 -16.72
CA ILE B 107 17.31 0.00 -16.36
C ILE B 107 17.17 0.78 -15.08
N VAL B 108 17.85 0.31 -14.03
CA VAL B 108 17.83 0.96 -12.73
C VAL B 108 19.27 1.29 -12.32
N ALA B 109 19.40 2.30 -11.47
CA ALA B 109 20.65 2.56 -10.79
C ALA B 109 20.58 1.90 -9.43
N CYS B 110 21.69 1.29 -9.01
CA CYS B 110 21.74 0.58 -7.73
C CYS B 110 22.84 1.13 -6.83
N GLU B 111 22.55 1.14 -5.54
CA GLU B 111 23.43 1.70 -4.54
C GLU B 111 23.15 1.04 -3.21
N GLY B 112 24.19 1.00 -2.36
CA GLY B 112 24.00 0.69 -0.96
C GLY B 112 24.19 -0.77 -0.59
N ASN B 113 24.05 -1.00 0.70
CA ASN B 113 24.07 -2.34 1.30
C ASN B 113 22.77 -2.59 2.03
N PRO B 114 21.92 -3.49 1.54
CA PRO B 114 22.16 -4.34 0.37
C PRO B 114 22.08 -3.54 -0.94
N TYR B 115 22.66 -4.08 -2.00
CA TYR B 115 22.77 -3.41 -3.30
C TYR B 115 21.42 -3.54 -4.01
N VAL B 116 20.64 -2.47 -3.99
CA VAL B 116 19.26 -2.50 -4.48
C VAL B 116 19.01 -1.26 -5.33
N PRO B 117 17.92 -1.22 -6.09
CA PRO B 117 17.68 -0.06 -6.95
C PRO B 117 17.38 1.20 -6.15
N VAL B 118 17.93 2.31 -6.61
CA VAL B 118 17.68 3.62 -6.01
C VAL B 118 17.15 4.62 -7.01
N HIS B 119 17.11 4.28 -8.29
CA HIS B 119 16.62 5.20 -9.30
C HIS B 119 16.13 4.38 -10.49
N PHE B 120 15.00 4.77 -11.05
CA PHE B 120 14.51 4.17 -12.29
C PHE B 120 15.03 5.01 -13.45
N ASP B 121 15.88 4.41 -14.28
CA ASP B 121 16.49 5.20 -15.34
C ASP B 121 15.65 5.18 -16.61
N ALA B 122 15.22 4.00 -17.05
CA ALA B 122 14.48 3.86 -18.31
C ALA B 122 13.94 2.44 -18.41
N SER B 123 13.06 2.24 -19.39
CA SER B 123 12.71 0.90 -19.85
C SER B 123 13.02 0.81 -21.34
N VAL B 124 13.41 -0.37 -21.79
CA VAL B 124 13.71 -0.59 -23.22
C VAL B 124 12.94 -1.76 -23.79
C10 ZSF C . -3.19 -11.47 17.34
C01 ZSF C . -2.63 -13.59 16.29
C02 ZSF C . -1.48 -13.53 15.39
C03 ZSF C . -2.15 -12.78 14.30
C04 ZSF C . -1.67 -13.20 12.03
C05 ZSF C . 0.08 -11.97 11.68
C06 ZSF C . -0.27 -11.77 13.04
C07 ZSF C . 1.41 -10.39 13.26
C08 ZSF C . 1.16 -11.31 11.22
C09 ZSF C . -3.34 -12.28 16.11
N01 ZSF C . -1.34 -12.55 13.14
N02 ZSF C . -0.82 -12.90 11.02
N03 ZSF C . 0.37 -10.98 13.89
N04 ZSF C . 1.85 -10.50 11.98
N05 ZSF C . 1.50 -11.52 9.84
O01 ZSF C . -3.46 -14.66 15.84
O02 ZSF C . -2.66 -11.62 15.00
O03 ZSF C . -1.11 -14.83 14.94
O04 ZSF C . -1.95 -11.88 17.83
O05 ZSF C . -1.62 -11.35 20.42
O06 ZSF C . -4.14 -10.67 21.00
O07 ZSF C . -5.56 -8.56 20.26
O08 ZSF C . -6.32 -10.63 18.63
O09 ZSF C . -6.13 -11.18 16.02
O10 ZSF C . -7.39 -9.34 14.58
O11 ZSF C . -5.52 -10.86 13.58
O12 ZSF C . -7.56 -11.81 13.96
O13 ZSF C . -8.39 -10.59 17.08
O14 ZSF C . -7.56 -12.62 17.59
O15 ZSF C . -7.80 -8.61 19.06
O16 ZSF C . -5.94 -8.29 17.74
O17 ZSF C . -4.88 -8.88 22.68
O18 ZSF C . -6.51 -10.29 21.91
O19 ZSF C . -2.22 -8.97 21.18
O20 ZSF C . -2.32 -10.58 22.77
O21 ZSF C . -1.46 -9.51 18.60
O22 ZSF C . 0.28 -10.99 18.74
O23 ZSF C . -6.39 -7.69 12.91
O24 ZSF C . -7.38 -6.81 14.87
O25 ZSF C . -5.29 -7.85 14.99
P01 ZSF C . -1.18 -10.91 18.90
P02 ZSF C . -2.56 -10.38 21.35
P03 ZSF C . -5.28 -9.60 21.49
P04 ZSF C . -6.40 -9.02 18.92
P05 ZSF C . -7.11 -11.25 17.33
P06 ZSF C . -6.65 -10.80 14.52
P07 ZSF C . -6.60 -7.94 14.34
C10 ZSF D . 15.55 9.16 -8.05
C01 ZSF D . 16.84 11.04 -9.14
C02 ZSF D . 18.28 11.23 -9.43
C03 ZSF D . 19.02 10.11 -8.78
C04 ZSF D . 19.97 9.75 -10.98
C05 ZSF D . 21.43 8.16 -10.52
C06 ZSF D . 20.75 8.50 -9.31
C07 ZSF D . 21.94 6.99 -8.19
C08 ZSF D . 22.36 7.18 -10.42
C09 ZSF D . 16.80 10.00 -8.05
N01 ZSF D . 19.91 9.46 -9.69
N02 ZSF D . 20.90 9.00 -11.61
N03 ZSF D . 20.98 7.95 -8.13
N04 ZSF D . 22.64 6.59 -9.27
N05 ZSF D . 23.09 6.79 -11.60
O01 ZSF D . 16.28 12.28 -8.68
O02 ZSF D . 18.00 9.19 -8.24
O03 ZSF D . 18.73 12.49 -8.90
O04 ZSF D . 15.33 8.53 -9.29
O05 ZSF D . 13.34 9.29 -10.92
O06 ZSF D . 11.90 11.57 -10.60
O07 ZSF D . 13.69 13.33 -9.63
O08 ZSF D . 14.55 15.76 -10.62
O09 ZSF D . 16.57 13.99 -11.21
O10 ZSF D . 16.28 12.99 -13.70
O11 ZSF D . 18.35 14.36 -13.04
O12 ZSF D . 18.24 12.28 -12.21
O13 ZSF D . 17.01 16.16 -9.92
O14 ZSF D . 16.55 16.41 -12.09
O15 ZSF D . 13.93 15.36 -8.11
O16 ZSF D . 12.20 15.44 -9.58
O17 ZSF D . 13.02 11.24 -8.29
O18 ZSF D . 11.43 12.82 -8.40
O19 ZSF D . 11.28 9.74 -12.30
O20 ZSF D . 10.89 9.22 -10.12
O21 ZSF D . 12.91 8.54 -8.54
O22 ZSF D . 13.43 6.89 -10.00
O23 ZSF D . 14.90 10.80 -14.11
O24 ZSF D . 14.95 11.62 -11.94
O25 ZSF D . 13.68 12.71 -13.53
P01 ZSF D . 13.75 8.29 -9.70
P02 ZSF D . 11.84 9.95 -10.97
P03 ZSF D . 12.51 12.25 -9.21
P04 ZSF D . 13.60 14.98 -9.50
P05 ZSF D . 16.16 15.57 -10.96
P06 ZSF D . 17.38 13.41 -12.54
P07 ZSF D . 14.98 12.05 -13.33
#